data_5MC7
#
_entry.id   5MC7
#
_cell.length_a   109.360
_cell.length_b   65.403
_cell.length_c   37.273
_cell.angle_alpha   90.00
_cell.angle_beta   96.58
_cell.angle_gamma   90.00
#
_symmetry.space_group_name_H-M   'C 1 2 1'
#
loop_
_entity.id
_entity.type
_entity.pdbx_description
1 polymer 'Coatomer subunit zeta-1'
2 water water
#
_entity_poly.entity_id   1
_entity_poly.type   'polypeptide(L)'
_entity_poly.pdbx_seq_one_letter_code
;GAMEPSLYTVKAILILDNDGDRLFAKYYDDTYPSVKEQKAFEKNIFNKTHRTDSEIALLEGLTVVYKSSIDLYFYVIGSS
YENELMLMAVLNCLFDSLSQMLRKNVEKRALLENMEGLFLAVDEIVDGGVILESDPQQVVHRVALRG
;
_entity_poly.pdbx_strand_id   A,B
#
# COMPACT_ATOMS: atom_id res chain seq x y z
N THR A 9 -27.09 -12.07 -6.73
CA THR A 9 -27.19 -10.66 -6.46
C THR A 9 -26.00 -10.19 -5.60
N VAL A 10 -25.46 -9.10 -6.04
CA VAL A 10 -24.35 -8.47 -5.39
C VAL A 10 -24.91 -7.21 -4.71
N LYS A 11 -24.62 -6.98 -3.41
CA LYS A 11 -25.09 -5.78 -2.78
C LYS A 11 -24.07 -4.64 -2.87
N ALA A 12 -22.78 -4.99 -2.92
CA ALA A 12 -21.74 -3.98 -3.07
C ALA A 12 -20.46 -4.56 -3.65
N ILE A 13 -19.63 -3.64 -4.24
CA ILE A 13 -18.22 -3.95 -4.66
C ILE A 13 -17.39 -2.81 -4.10
N LEU A 14 -16.33 -3.11 -3.37
CA LEU A 14 -15.47 -2.10 -2.78
C LEU A 14 -14.07 -2.36 -3.11
N ILE A 15 -13.29 -1.28 -3.46
CA ILE A 15 -11.87 -1.45 -3.42
C ILE A 15 -11.28 -0.39 -2.44
N LEU A 16 -10.63 -0.87 -1.41
CA LEU A 16 -10.03 0.04 -0.43
C LEU A 16 -8.51 -0.02 -0.56
N ASP A 17 -7.89 1.12 -0.35
CA ASP A 17 -6.47 1.21 -0.25
C ASP A 17 -5.95 0.67 1.08
N ASN A 18 -4.62 0.58 1.22
CA ASN A 18 -3.96 0.07 2.34
C ASN A 18 -4.20 0.86 3.68
N ASP A 19 -4.78 2.06 3.59
CA ASP A 19 -5.13 2.79 4.77
C ASP A 19 -6.61 2.55 5.06
N GLY A 20 -7.30 1.72 4.27
CA GLY A 20 -8.77 1.54 4.40
C GLY A 20 -9.60 2.59 3.72
N ASP A 21 -8.98 3.48 3.03
CA ASP A 21 -9.65 4.55 2.31
C ASP A 21 -10.23 4.05 0.98
N ARG A 22 -11.41 4.54 0.65
CA ARG A 22 -12.15 4.07 -0.54
C ARG A 22 -11.43 4.54 -1.77
N LEU A 23 -11.02 3.58 -2.63
CA LEU A 23 -10.65 3.86 -4.02
C LEU A 23 -11.82 3.73 -4.98
N PHE A 24 -12.73 2.79 -4.62
CA PHE A 24 -13.88 2.55 -5.47
C PHE A 24 -14.94 1.92 -4.57
N ALA A 25 -16.12 2.46 -4.72
CA ALA A 25 -17.27 1.81 -4.09
C ALA A 25 -18.46 1.90 -5.02
N LYS A 26 -19.24 0.79 -5.04
CA LYS A 26 -20.49 0.78 -5.68
C LYS A 26 -21.50 -0.02 -4.84
N TYR A 27 -22.54 0.59 -4.42
CA TYR A 27 -23.57 -0.09 -3.67
C TYR A 27 -24.87 -0.20 -4.58
N TYR A 28 -25.48 -1.36 -4.57
CA TYR A 28 -26.54 -1.71 -5.50
C TYR A 28 -27.93 -1.79 -4.89
N ASP A 29 -27.98 -1.50 -3.59
CA ASP A 29 -29.31 -1.47 -2.93
C ASP A 29 -29.18 -0.42 -1.80
N ASP A 30 -30.21 -0.38 -0.94
CA ASP A 30 -30.41 0.67 0.06
C ASP A 30 -29.93 0.30 1.43
N THR A 31 -29.09 -0.76 1.57
CA THR A 31 -28.64 -1.16 2.86
C THR A 31 -27.84 -0.07 3.59
N TYR A 32 -26.98 0.63 2.84
CA TYR A 32 -26.22 1.74 3.40
C TYR A 32 -26.50 3.04 2.63
N PRO A 33 -27.60 3.69 2.99
CA PRO A 33 -28.00 4.77 2.12
C PRO A 33 -27.16 6.03 2.23
N SER A 34 -26.63 6.34 3.41
CA SER A 34 -25.82 7.56 3.53
C SER A 34 -24.34 7.25 3.37
N VAL A 35 -23.65 8.30 2.97
CA VAL A 35 -22.22 8.18 2.81
C VAL A 35 -21.53 7.93 4.17
N LYS A 36 -22.02 8.54 5.21
CA LYS A 36 -21.52 8.28 6.56
C LYS A 36 -21.70 6.80 6.92
N GLU A 37 -22.81 6.19 6.55
CA GLU A 37 -23.02 4.80 6.89
C GLU A 37 -22.18 3.95 6.05
N GLN A 38 -22.03 4.32 4.78
CA GLN A 38 -21.13 3.53 3.85
C GLN A 38 -19.69 3.59 4.37
N LYS A 39 -19.17 4.77 4.65
CA LYS A 39 -17.79 4.91 5.13
C LYS A 39 -17.57 4.18 6.43
N ALA A 40 -18.56 4.19 7.34
CA ALA A 40 -18.47 3.38 8.62
C ALA A 40 -18.41 1.91 8.37
N PHE A 41 -19.17 1.44 7.38
CA PHE A 41 -19.18 0.07 6.97
C PHE A 41 -17.84 -0.29 6.39
N GLU A 42 -17.33 0.54 5.51
CA GLU A 42 -16.02 0.33 4.90
C GLU A 42 -14.88 0.23 5.94
N LYS A 43 -14.93 1.11 6.93
CA LYS A 43 -14.03 1.12 8.07
C LYS A 43 -14.13 -0.16 8.89
N ASN A 44 -15.39 -0.58 9.24
CA ASN A 44 -15.57 -1.81 9.90
C ASN A 44 -15.07 -2.95 9.13
N ILE A 45 -15.41 -3.07 7.89
CA ILE A 45 -14.90 -4.17 7.06
C ILE A 45 -13.36 -4.21 7.03
N PHE A 46 -12.78 -3.02 6.79
CA PHE A 46 -11.35 -2.95 6.74
C PHE A 46 -10.69 -3.43 8.04
N ASN A 47 -11.23 -3.01 9.17
CA ASN A 47 -10.67 -3.28 10.46
C ASN A 47 -10.91 -4.70 10.85
N LYS A 48 -11.86 -5.37 10.23
CA LYS A 48 -12.06 -6.78 10.49
C LYS A 48 -11.48 -7.67 9.48
N THR A 49 -10.78 -7.13 8.49
CA THR A 49 -10.15 -7.98 7.53
C THR A 49 -8.68 -7.79 7.45
N HIS A 50 -8.07 -8.70 6.69
CA HIS A 50 -6.59 -8.77 6.62
C HIS A 50 -6.08 -9.24 5.27
N ARG A 51 -4.75 -9.21 5.01
CA ARG A 51 -4.20 -9.75 3.76
C ARG A 51 -4.55 -11.19 3.50
N THR A 52 -5.01 -11.46 2.29
CA THR A 52 -5.26 -12.82 1.90
C THR A 52 -5.37 -12.90 0.39
N ASP A 53 -5.11 -14.09 -0.16
CA ASP A 53 -5.45 -14.35 -1.55
C ASP A 53 -6.95 -14.66 -1.81
N SER A 54 -7.72 -14.96 -0.77
CA SER A 54 -9.12 -15.16 -0.96
C SER A 54 -9.66 -15.65 0.35
N GLU A 55 -10.58 -14.87 0.83
CA GLU A 55 -11.31 -15.27 2.05
C GLU A 55 -12.80 -14.99 1.95
N ILE A 56 -13.58 -15.85 2.68
CA ILE A 56 -15.02 -15.62 2.84
C ILE A 56 -15.29 -15.33 4.30
N ALA A 57 -16.00 -14.25 4.55
CA ALA A 57 -16.48 -14.04 5.98
C ALA A 57 -17.92 -13.56 6.07
N LEU A 58 -18.59 -13.93 7.19
CA LEU A 58 -19.77 -13.15 7.49
C LEU A 58 -19.40 -11.98 8.37
N LEU A 59 -19.68 -10.78 7.89
CA LEU A 59 -19.34 -9.54 8.54
C LEU A 59 -20.46 -8.62 8.44
N GLU A 60 -20.86 -8.01 9.57
CA GLU A 60 -21.93 -7.05 9.49
C GLU A 60 -23.27 -7.58 8.98
N GLY A 61 -23.45 -8.84 9.18
CA GLY A 61 -24.59 -9.61 8.70
C GLY A 61 -24.63 -9.91 7.22
N LEU A 62 -23.49 -9.80 6.56
CA LEU A 62 -23.44 -9.93 5.14
C LEU A 62 -22.33 -10.89 4.77
N THR A 63 -22.46 -11.47 3.59
CA THR A 63 -21.36 -12.36 3.11
C THR A 63 -20.35 -11.51 2.34
N VAL A 64 -19.12 -11.47 2.85
CA VAL A 64 -17.99 -10.71 2.25
C VAL A 64 -16.96 -11.63 1.73
N VAL A 65 -16.72 -11.55 0.41
CA VAL A 65 -15.66 -12.42 -0.17
C VAL A 65 -14.62 -11.39 -0.59
N TYR A 66 -13.37 -11.64 -0.21
CA TYR A 66 -12.38 -10.62 -0.46
C TYR A 66 -11.00 -11.13 -0.63
N LYS A 67 -10.12 -10.23 -1.18
CA LYS A 67 -8.76 -10.52 -1.35
C LYS A 67 -7.91 -9.28 -1.50
N SER A 68 -6.63 -9.40 -1.27
CA SER A 68 -5.70 -8.26 -1.31
C SER A 68 -4.70 -8.45 -2.36
N SER A 69 -4.21 -7.31 -2.84
CA SER A 69 -2.99 -7.30 -3.56
C SER A 69 -1.90 -6.59 -2.79
N ILE A 70 -0.80 -6.16 -3.41
CA ILE A 70 0.22 -5.48 -2.63
C ILE A 70 -0.33 -4.26 -1.83
N ASP A 71 -1.23 -3.44 -2.36
CA ASP A 71 -1.65 -2.30 -1.58
C ASP A 71 -3.20 -2.03 -1.71
N LEU A 72 -3.95 -2.97 -2.21
CA LEU A 72 -5.34 -2.84 -2.48
C LEU A 72 -6.16 -4.01 -1.85
N TYR A 73 -7.36 -3.73 -1.36
CA TYR A 73 -8.23 -4.76 -0.79
C TYR A 73 -9.56 -4.72 -1.57
N PHE A 74 -9.98 -5.87 -2.10
CA PHE A 74 -11.08 -5.97 -3.05
C PHE A 74 -12.17 -6.78 -2.31
N TYR A 75 -13.37 -6.24 -2.24
CA TYR A 75 -14.48 -6.96 -1.54
C TYR A 75 -15.66 -6.99 -2.46
N VAL A 76 -16.34 -8.10 -2.42
CA VAL A 76 -17.62 -8.31 -3.11
C VAL A 76 -18.56 -8.86 -2.02
N ILE A 77 -19.64 -8.12 -1.88
CA ILE A 77 -20.53 -8.27 -0.68
C ILE A 77 -21.93 -8.67 -1.21
N GLY A 78 -22.49 -9.64 -0.52
CA GLY A 78 -23.78 -10.16 -0.75
C GLY A 78 -24.54 -10.40 0.52
N SER A 79 -25.79 -10.75 0.34
CA SER A 79 -26.59 -11.09 1.54
C SER A 79 -26.02 -12.29 2.32
N SER A 80 -26.48 -12.51 3.57
CA SER A 80 -26.02 -13.62 4.39
C SER A 80 -26.50 -14.97 3.79
N TYR A 81 -27.45 -14.92 2.85
CA TYR A 81 -27.92 -16.08 2.22
C TYR A 81 -27.44 -16.43 0.87
N GLU A 82 -26.56 -15.61 0.33
CA GLU A 82 -26.08 -15.75 -1.02
C GLU A 82 -25.12 -16.91 -1.26
N ASN A 83 -25.12 -17.45 -2.47
CA ASN A 83 -24.16 -18.50 -2.81
C ASN A 83 -22.80 -17.84 -2.81
N GLU A 84 -21.95 -18.25 -1.88
CA GLU A 84 -20.71 -17.59 -1.76
C GLU A 84 -19.72 -17.86 -2.95
N LEU A 85 -19.88 -18.91 -3.66
CA LEU A 85 -19.08 -19.13 -4.85
C LEU A 85 -19.44 -18.24 -5.97
N MET A 86 -20.70 -17.87 -6.08
CA MET A 86 -21.08 -16.85 -7.04
C MET A 86 -20.41 -15.52 -6.74
N LEU A 87 -20.36 -15.15 -5.46
CA LEU A 87 -19.72 -13.94 -5.06
C LEU A 87 -18.19 -14.04 -5.33
N MET A 88 -17.62 -15.20 -5.10
CA MET A 88 -16.18 -15.43 -5.43
C MET A 88 -15.92 -15.34 -6.91
N ALA A 89 -16.83 -15.76 -7.71
CA ALA A 89 -16.63 -15.68 -9.16
C ALA A 89 -16.59 -14.20 -9.58
N VAL A 90 -17.47 -13.36 -8.99
CA VAL A 90 -17.39 -11.96 -9.27
C VAL A 90 -16.02 -11.44 -8.89
N LEU A 91 -15.61 -11.68 -7.62
CA LEU A 91 -14.36 -11.15 -7.11
C LEU A 91 -13.20 -11.60 -8.04
N ASN A 92 -13.16 -12.88 -8.40
CA ASN A 92 -12.06 -13.33 -9.29
C ASN A 92 -12.15 -12.68 -10.67
N CYS A 93 -13.34 -12.53 -11.19
CA CYS A 93 -13.46 -11.96 -12.51
C CYS A 93 -13.00 -10.46 -12.49
N LEU A 94 -13.34 -9.72 -11.47
CA LEU A 94 -12.91 -8.36 -11.33
C LEU A 94 -11.39 -8.35 -11.18
N PHE A 95 -10.88 -9.15 -10.25
CA PHE A 95 -9.43 -9.04 -9.99
C PHE A 95 -8.61 -9.43 -11.26
N ASP A 96 -9.02 -10.50 -11.89
CA ASP A 96 -8.31 -11.06 -13.00
C ASP A 96 -8.48 -10.16 -14.25
N SER A 97 -9.59 -9.48 -14.37
CA SER A 97 -9.78 -8.52 -15.44
C SER A 97 -8.79 -7.38 -15.22
N LEU A 98 -8.69 -6.88 -13.99
CA LEU A 98 -7.70 -5.86 -13.70
C LEU A 98 -6.27 -6.32 -13.91
N SER A 99 -5.98 -7.55 -13.56
CA SER A 99 -4.64 -8.03 -13.74
C SER A 99 -4.25 -7.94 -15.23
N GLN A 100 -5.13 -8.37 -16.08
CA GLN A 100 -4.86 -8.25 -17.53
C GLN A 100 -4.66 -6.77 -17.90
N MET A 101 -5.58 -5.91 -17.50
CA MET A 101 -5.60 -4.46 -17.89
C MET A 101 -4.39 -3.69 -17.32
N LEU A 102 -3.95 -4.11 -16.12
CA LEU A 102 -2.79 -3.49 -15.44
C LEU A 102 -1.48 -4.15 -15.63
N ARG A 103 -1.40 -5.00 -16.62
CA ARG A 103 -0.11 -5.75 -16.98
C ARG A 103 0.48 -6.35 -15.76
N LYS A 104 -0.38 -7.07 -15.05
CA LYS A 104 0.00 -7.89 -13.92
C LYS A 104 0.54 -7.16 -12.69
N ASN A 105 0.30 -5.85 -12.61
CA ASN A 105 0.60 -5.14 -11.37
C ASN A 105 -0.64 -4.49 -10.80
N VAL A 106 -1.35 -5.26 -9.97
CA VAL A 106 -2.56 -4.79 -9.48
C VAL A 106 -2.34 -3.98 -8.20
N GLU A 107 -2.12 -2.69 -8.42
CA GLU A 107 -1.66 -1.83 -7.32
C GLU A 107 -2.33 -0.49 -7.48
N LYS A 108 -2.36 0.26 -6.43
CA LYS A 108 -3.02 1.53 -6.35
C LYS A 108 -2.53 2.46 -7.47
N ARG A 109 -1.23 2.57 -7.63
CA ARG A 109 -0.69 3.51 -8.62
C ARG A 109 -1.20 3.24 -10.07
N ALA A 110 -1.20 1.99 -10.46
CA ALA A 110 -1.67 1.62 -11.76
C ALA A 110 -3.09 1.70 -11.92
N LEU A 111 -3.81 1.36 -10.85
CA LEU A 111 -5.24 1.41 -10.96
C LEU A 111 -5.74 2.86 -11.04
N LEU A 112 -5.17 3.77 -10.28
CA LEU A 112 -5.57 5.17 -10.34
C LEU A 112 -5.27 5.78 -11.69
N GLU A 113 -4.28 5.21 -12.40
CA GLU A 113 -3.96 5.64 -13.75
C GLU A 113 -4.94 5.17 -14.82
N ASN A 114 -5.83 4.20 -14.52
CA ASN A 114 -6.80 3.78 -15.48
C ASN A 114 -8.09 3.42 -14.80
N MET A 115 -8.59 4.44 -14.19
CA MET A 115 -9.88 4.25 -13.46
C MET A 115 -11.04 3.98 -14.43
N GLU A 116 -11.03 4.54 -15.65
CA GLU A 116 -12.11 4.23 -16.60
C GLU A 116 -12.13 2.73 -16.90
N GLY A 117 -11.00 2.08 -17.00
CA GLY A 117 -10.95 0.67 -17.14
C GLY A 117 -11.72 -0.08 -16.08
N LEU A 118 -11.42 0.33 -14.85
CA LEU A 118 -12.06 -0.18 -13.69
C LEU A 118 -13.62 0.01 -13.78
N PHE A 119 -14.08 1.25 -13.98
CA PHE A 119 -15.50 1.55 -14.05
C PHE A 119 -16.17 0.78 -15.13
N LEU A 120 -15.62 0.76 -16.32
CA LEU A 120 -16.23 -0.06 -17.40
C LEU A 120 -16.26 -1.57 -17.13
N ALA A 121 -15.21 -2.10 -16.50
CA ALA A 121 -15.15 -3.57 -16.14
C ALA A 121 -16.27 -3.88 -15.16
N VAL A 122 -16.42 -3.04 -14.16
CA VAL A 122 -17.50 -3.37 -13.16
C VAL A 122 -18.85 -3.37 -13.82
N ASP A 123 -19.08 -2.44 -14.71
CA ASP A 123 -20.33 -2.40 -15.47
C ASP A 123 -20.54 -3.56 -16.39
N GLU A 124 -19.49 -4.25 -16.79
CA GLU A 124 -19.68 -5.52 -17.52
C GLU A 124 -19.98 -6.70 -16.64
N ILE A 125 -19.54 -6.66 -15.40
CA ILE A 125 -19.69 -7.78 -14.46
C ILE A 125 -21.01 -7.75 -13.79
N VAL A 126 -21.46 -6.57 -13.37
CA VAL A 126 -22.73 -6.42 -12.58
C VAL A 126 -23.53 -5.34 -13.13
N ASP A 127 -24.87 -5.52 -13.21
CA ASP A 127 -25.77 -4.51 -13.67
C ASP A 127 -26.86 -4.40 -12.61
N GLY A 128 -26.86 -3.33 -11.88
CA GLY A 128 -27.92 -3.17 -10.81
C GLY A 128 -28.04 -4.29 -9.76
N GLY A 129 -26.91 -4.90 -9.44
CA GLY A 129 -26.78 -6.03 -8.57
C GLY A 129 -26.80 -7.39 -9.21
N VAL A 130 -27.24 -7.46 -10.48
CA VAL A 130 -27.30 -8.74 -11.15
C VAL A 130 -25.97 -9.11 -11.74
N ILE A 131 -25.60 -10.36 -11.52
CA ILE A 131 -24.30 -10.76 -12.11
C ILE A 131 -24.48 -11.12 -13.57
N LEU A 132 -23.80 -10.38 -14.45
CA LEU A 132 -23.94 -10.53 -15.89
C LEU A 132 -22.85 -11.38 -16.49
N GLU A 133 -21.66 -11.40 -15.86
CA GLU A 133 -20.49 -11.97 -16.56
C GLU A 133 -19.40 -12.28 -15.54
N SER A 134 -18.97 -13.52 -15.52
CA SER A 134 -17.88 -13.97 -14.67
C SER A 134 -16.59 -14.42 -15.37
N ASP A 135 -16.49 -14.31 -16.71
CA ASP A 135 -15.26 -14.64 -17.43
C ASP A 135 -14.43 -13.39 -17.71
N PRO A 136 -13.27 -13.25 -17.08
CA PRO A 136 -12.54 -12.01 -17.29
C PRO A 136 -12.08 -11.75 -18.71
N GLN A 137 -11.86 -12.81 -19.45
CA GLN A 137 -11.54 -12.65 -20.87
C GLN A 137 -12.64 -11.97 -21.67
N GLN A 138 -13.88 -12.27 -21.32
CA GLN A 138 -15.03 -11.60 -21.91
C GLN A 138 -15.10 -10.15 -21.50
N VAL A 139 -14.88 -9.90 -20.20
CA VAL A 139 -14.96 -8.58 -19.72
C VAL A 139 -13.95 -7.64 -20.37
N VAL A 140 -12.68 -8.10 -20.47
CA VAL A 140 -11.69 -7.17 -20.92
C VAL A 140 -11.91 -6.86 -22.41
N HIS A 141 -12.41 -7.86 -23.15
CA HIS A 141 -12.75 -7.68 -24.54
C HIS A 141 -13.81 -6.54 -24.68
N ARG A 142 -14.83 -6.58 -23.85
CA ARG A 142 -15.87 -5.59 -23.95
C ARG A 142 -15.49 -4.22 -23.45
N VAL A 143 -14.60 -4.14 -22.44
CA VAL A 143 -14.12 -2.88 -21.96
C VAL A 143 -13.36 -2.23 -23.15
N ALA A 144 -12.57 -3.02 -23.85
CA ALA A 144 -11.76 -2.48 -24.97
C ALA A 144 -12.68 -1.85 -26.06
N LEU A 145 -13.85 -2.46 -26.23
CA LEU A 145 -14.85 -1.93 -27.17
C LEU A 145 -15.54 -0.65 -26.70
N ARG A 146 -15.58 -0.40 -25.43
CA ARG A 146 -16.28 0.77 -24.86
C ARG A 146 -15.45 1.94 -24.38
N GLY A 147 -14.14 1.77 -24.32
CA GLY A 147 -13.27 2.80 -23.81
C GLY A 147 -12.22 2.11 -23.02
N THR B 9 27.85 10.78 6.99
CA THR B 9 26.61 11.63 7.15
C THR B 9 25.45 11.25 6.16
N VAL B 10 24.25 11.38 6.71
CA VAL B 10 23.05 11.04 6.06
C VAL B 10 22.34 12.33 5.63
N LYS B 11 21.90 12.43 4.37
CA LYS B 11 21.16 13.60 3.99
C LYS B 11 19.65 13.43 4.21
N ALA B 12 19.15 12.21 4.08
CA ALA B 12 17.74 11.97 4.34
C ALA B 12 17.44 10.53 4.65
N ILE B 13 16.35 10.33 5.46
CA ILE B 13 15.74 8.98 5.60
C ILE B 13 14.27 9.08 5.21
N LEU B 14 13.87 8.22 4.33
CA LEU B 14 12.50 8.22 3.82
C LEU B 14 11.85 6.92 3.94
N ILE B 15 10.53 6.95 4.26
CA ILE B 15 9.73 5.77 4.01
C ILE B 15 8.57 6.14 3.18
N LEU B 16 8.48 5.51 2.01
CA LEU B 16 7.41 5.76 1.10
C LEU B 16 6.54 4.55 0.95
N ASP B 17 5.23 4.75 0.71
CA ASP B 17 4.45 3.56 0.36
C ASP B 17 4.57 3.24 -1.12
N ASN B 18 3.91 2.18 -1.46
CA ASN B 18 3.90 1.64 -2.79
C ASN B 18 3.29 2.53 -3.84
N ASP B 19 2.66 3.65 -3.49
CA ASP B 19 2.22 4.59 -4.45
C ASP B 19 3.11 5.82 -4.46
N GLY B 20 4.18 5.77 -3.67
CA GLY B 20 5.15 6.85 -3.56
C GLY B 20 4.83 7.89 -2.50
N ASP B 21 3.76 7.67 -1.79
CA ASP B 21 3.32 8.66 -0.75
C ASP B 21 4.17 8.55 0.50
N ARG B 22 4.41 9.71 1.11
CA ARG B 22 5.34 9.75 2.21
C ARG B 22 4.68 9.22 3.41
N LEU B 23 5.22 8.14 4.04
CA LEU B 23 4.96 7.76 5.42
C LEU B 23 5.86 8.47 6.40
N PHE B 24 7.07 8.66 6.04
CA PHE B 24 8.04 9.29 6.92
C PHE B 24 9.03 9.97 6.06
N ALA B 25 9.39 11.17 6.49
CA ALA B 25 10.50 11.83 5.81
C ALA B 25 11.26 12.79 6.68
N LYS B 26 12.61 12.68 6.68
CA LYS B 26 13.46 13.51 7.47
C LYS B 26 14.63 13.92 6.56
N TYR B 27 14.85 15.22 6.37
CA TYR B 27 15.96 15.74 5.59
C TYR B 27 16.85 16.46 6.59
N TYR B 28 18.13 16.12 6.54
CA TYR B 28 19.11 16.61 7.47
C TYR B 28 19.99 17.78 6.99
N ASP B 29 19.79 18.22 5.75
CA ASP B 29 20.61 19.41 5.29
C ASP B 29 19.73 20.21 4.37
N ASP B 30 20.27 21.12 3.59
CA ASP B 30 19.51 22.07 2.76
C ASP B 30 19.50 21.69 1.32
N THR B 31 19.77 20.45 0.94
CA THR B 31 19.76 20.10 -0.48
C THR B 31 18.33 20.29 -1.07
N TYR B 32 17.32 19.95 -0.29
CA TYR B 32 15.89 20.10 -0.71
C TYR B 32 15.10 20.92 0.30
N PRO B 33 15.26 22.24 0.24
CA PRO B 33 14.77 22.98 1.43
C PRO B 33 13.23 23.01 1.58
N SER B 34 12.47 23.04 0.52
CA SER B 34 11.04 23.11 0.58
C SER B 34 10.40 21.73 0.42
N VAL B 35 9.20 21.62 0.99
CA VAL B 35 8.42 20.40 0.88
C VAL B 35 8.08 20.10 -0.62
N LYS B 36 7.84 21.15 -1.39
CA LYS B 36 7.63 21.01 -2.84
C LYS B 36 8.85 20.32 -3.50
N GLU B 37 10.03 20.77 -3.10
CA GLU B 37 11.24 20.23 -3.76
C GLU B 37 11.48 18.82 -3.25
N GLN B 38 11.18 18.59 -1.97
CA GLN B 38 11.38 17.26 -1.38
C GLN B 38 10.43 16.25 -2.09
N LYS B 39 9.17 16.60 -2.18
CA LYS B 39 8.13 15.79 -2.82
C LYS B 39 8.48 15.49 -4.30
N ALA B 40 9.05 16.43 -5.00
CA ALA B 40 9.57 16.18 -6.40
C ALA B 40 10.69 15.16 -6.46
N PHE B 41 11.61 15.26 -5.50
CA PHE B 41 12.72 14.39 -5.39
C PHE B 41 12.19 12.98 -5.06
N GLU B 42 11.27 12.89 -4.12
CA GLU B 42 10.62 11.66 -3.74
C GLU B 42 9.91 10.96 -4.91
N LYS B 43 9.20 11.71 -5.72
CA LYS B 43 8.59 11.23 -6.99
C LYS B 43 9.61 10.66 -7.92
N ASN B 44 10.73 11.36 -8.13
CA ASN B 44 11.76 10.93 -9.03
C ASN B 44 12.33 9.65 -8.48
N ILE B 45 12.73 9.66 -7.21
CA ILE B 45 13.30 8.45 -6.60
C ILE B 45 12.43 7.25 -6.76
N PHE B 46 11.14 7.52 -6.47
CA PHE B 46 10.22 6.42 -6.46
C PHE B 46 10.09 5.74 -7.82
N ASN B 47 10.01 6.59 -8.83
CA ASN B 47 9.80 6.14 -10.20
C ASN B 47 11.01 5.39 -10.63
N LYS B 48 12.19 5.75 -10.08
CA LYS B 48 13.42 5.05 -10.47
C LYS B 48 13.80 3.87 -9.64
N THR B 49 13.04 3.57 -8.58
CA THR B 49 13.32 2.46 -7.75
C THR B 49 12.17 1.49 -7.56
N HIS B 50 10.96 1.93 -7.89
CA HIS B 50 9.79 1.10 -7.76
C HIS B 50 9.97 -0.13 -8.64
N ARG B 51 9.70 -1.30 -8.10
CA ARG B 51 9.69 -2.59 -8.87
C ARG B 51 10.98 -2.84 -9.58
N THR B 52 12.07 -2.65 -8.80
CA THR B 52 13.45 -2.88 -9.26
C THR B 52 14.05 -4.01 -8.40
N ASP B 53 15.04 -4.71 -8.90
CA ASP B 53 15.70 -5.70 -8.05
C ASP B 53 17.02 -5.17 -7.52
N SER B 54 17.35 -3.92 -7.79
CA SER B 54 18.56 -3.33 -7.23
C SER B 54 18.25 -2.82 -5.87
N GLU B 55 19.29 -2.41 -5.17
CA GLU B 55 19.06 -1.78 -3.86
C GLU B 55 19.99 -0.58 -3.65
N ILE B 56 20.83 -0.25 -4.61
CA ILE B 56 21.70 0.92 -4.48
C ILE B 56 21.60 1.59 -5.81
N ALA B 57 21.36 2.91 -5.83
CA ALA B 57 21.50 3.68 -7.06
C ALA B 57 22.01 5.11 -6.88
N LEU B 58 22.59 5.70 -7.93
CA LEU B 58 22.95 7.08 -7.87
C LEU B 58 21.81 7.77 -8.57
N LEU B 59 21.08 8.60 -7.83
CA LEU B 59 19.90 9.29 -8.34
C LEU B 59 20.01 10.75 -7.94
N GLU B 60 19.79 11.64 -8.89
CA GLU B 60 19.97 13.08 -8.70
C GLU B 60 21.26 13.48 -8.05
N GLY B 61 22.28 12.74 -8.34
CA GLY B 61 23.60 12.98 -7.81
C GLY B 61 23.84 12.63 -6.37
N LEU B 62 22.95 11.76 -5.84
CA LEU B 62 23.05 11.34 -4.51
C LEU B 62 23.06 9.80 -4.49
N THR B 63 23.66 9.26 -3.47
CA THR B 63 23.68 7.83 -3.30
C THR B 63 22.40 7.43 -2.52
N VAL B 64 21.61 6.55 -3.17
CA VAL B 64 20.32 6.13 -2.59
C VAL B 64 20.38 4.66 -2.35
N VAL B 65 20.26 4.26 -1.04
CA VAL B 65 20.22 2.85 -0.80
C VAL B 65 18.80 2.57 -0.36
N TYR B 66 18.32 1.43 -0.82
CA TYR B 66 16.89 1.18 -0.46
C TYR B 66 16.53 -0.22 -0.43
N LYS B 67 15.30 -0.43 0.14
CA LYS B 67 14.77 -1.77 0.29
C LYS B 67 13.29 -1.72 0.39
N SER B 68 12.68 -2.84 -0.02
CA SER B 68 11.20 -2.83 0.05
C SER B 68 10.74 -3.96 0.92
N SER B 69 9.63 -3.76 1.56
CA SER B 69 8.99 -4.85 2.33
C SER B 69 7.53 -4.70 2.13
N ILE B 70 6.91 -5.61 1.44
CA ILE B 70 5.42 -5.62 1.20
C ILE B 70 5.01 -4.33 0.54
N ASP B 71 4.45 -3.38 1.19
CA ASP B 71 3.95 -2.22 0.54
C ASP B 71 4.73 -1.01 0.95
N LEU B 72 5.96 -1.16 1.44
CA LEU B 72 6.77 -0.02 1.90
C LEU B 72 8.16 -0.02 1.27
N TYR B 73 8.63 1.19 0.97
CA TYR B 73 9.98 1.42 0.48
C TYR B 73 10.72 2.29 1.46
N PHE B 74 11.93 1.82 1.80
CA PHE B 74 12.80 2.48 2.80
C PHE B 74 14.04 2.99 2.12
N TYR B 75 14.37 4.25 2.38
CA TYR B 75 15.54 4.87 1.63
C TYR B 75 16.39 5.52 2.70
N VAL B 76 17.68 5.45 2.43
CA VAL B 76 18.66 6.24 3.16
C VAL B 76 19.52 6.85 2.06
N ILE B 77 19.62 8.15 2.18
CA ILE B 77 20.20 8.96 1.13
C ILE B 77 21.46 9.67 1.72
N GLY B 78 22.48 9.64 0.90
CA GLY B 78 23.78 10.29 1.18
C GLY B 78 24.35 10.98 0.00
N SER B 79 25.40 11.73 0.19
CA SER B 79 26.09 12.32 -0.95
C SER B 79 26.60 11.34 -2.04
N SER B 80 26.90 11.86 -3.25
CA SER B 80 27.38 11.04 -4.40
C SER B 80 28.65 10.27 -4.02
N TYR B 81 29.29 10.70 -2.94
CA TYR B 81 30.63 10.34 -2.69
C TYR B 81 30.82 9.46 -1.59
N GLU B 82 29.68 9.28 -0.86
CA GLU B 82 29.49 8.60 0.40
C GLU B 82 29.78 7.10 0.31
N ASN B 83 30.26 6.56 1.41
CA ASN B 83 30.61 5.20 1.51
C ASN B 83 29.29 4.48 1.51
N GLU B 84 29.08 3.63 0.51
CA GLU B 84 27.76 3.01 0.46
C GLU B 84 27.46 1.96 1.54
N LEU B 85 28.52 1.33 2.08
CA LEU B 85 28.25 0.43 3.22
C LEU B 85 27.83 1.16 4.46
N MET B 86 28.35 2.35 4.67
CA MET B 86 27.87 3.16 5.76
C MET B 86 26.38 3.45 5.66
N LEU B 87 25.93 3.82 4.44
CA LEU B 87 24.55 4.04 4.23
C LEU B 87 23.71 2.78 4.44
N MET B 88 24.24 1.66 3.97
CA MET B 88 23.57 0.38 4.13
C MET B 88 23.41 0.07 5.62
N ALA B 89 24.40 0.38 6.40
CA ALA B 89 24.29 0.05 7.85
C ALA B 89 23.17 0.86 8.53
N VAL B 90 22.92 2.07 8.10
CA VAL B 90 21.83 2.85 8.62
C VAL B 90 20.53 2.15 8.21
N LEU B 91 20.36 1.86 6.92
CA LEU B 91 19.20 1.29 6.39
C LEU B 91 18.91 -0.06 7.10
N ASN B 92 19.93 -0.90 7.22
CA ASN B 92 19.70 -2.23 7.85
C ASN B 92 19.32 -1.99 9.35
N CYS B 93 19.96 -1.02 9.96
CA CYS B 93 19.67 -0.82 11.38
C CYS B 93 18.21 -0.35 11.62
N LEU B 94 17.79 0.55 10.78
CA LEU B 94 16.42 0.97 10.84
C LEU B 94 15.49 -0.14 10.52
N PHE B 95 15.73 -0.86 9.46
CA PHE B 95 14.72 -1.88 9.06
C PHE B 95 14.65 -2.97 10.08
N ASP B 96 15.79 -3.39 10.58
CA ASP B 96 15.84 -4.56 11.40
C ASP B 96 15.32 -4.18 12.80
N SER B 97 15.60 -2.93 13.23
CA SER B 97 14.95 -2.46 14.46
C SER B 97 13.47 -2.49 14.34
N LEU B 98 12.94 -1.97 13.29
CA LEU B 98 11.45 -1.98 13.08
C LEU B 98 10.91 -3.41 12.97
N SER B 99 11.64 -4.31 12.31
CA SER B 99 11.22 -5.65 12.27
C SER B 99 11.02 -6.26 13.65
N GLN B 100 11.98 -6.09 14.48
CA GLN B 100 11.88 -6.56 15.89
C GLN B 100 10.75 -5.93 16.53
N MET B 101 10.65 -4.60 16.46
CA MET B 101 9.56 -3.83 17.18
C MET B 101 8.17 -4.18 16.73
N LEU B 102 7.99 -4.51 15.47
CA LEU B 102 6.68 -4.83 14.86
C LEU B 102 6.44 -6.33 14.72
N ARG B 103 7.21 -7.17 15.39
CA ARG B 103 6.99 -8.60 15.37
C ARG B 103 6.91 -9.13 13.95
N LYS B 104 7.93 -8.74 13.19
CA LYS B 104 8.32 -9.44 11.98
C LYS B 104 7.44 -9.17 10.77
N ASN B 105 6.51 -8.21 10.83
CA ASN B 105 5.66 -8.05 9.63
C ASN B 105 5.75 -6.58 9.12
N VAL B 106 6.79 -6.21 8.35
CA VAL B 106 7.05 -4.83 8.14
C VAL B 106 6.21 -4.30 6.97
N GLU B 107 5.01 -3.76 7.25
CA GLU B 107 4.19 -3.22 6.20
C GLU B 107 3.45 -2.01 6.68
N LYS B 108 2.81 -1.28 5.78
CA LYS B 108 2.20 -0.01 6.13
C LYS B 108 1.22 -0.10 7.29
N ARG B 109 0.37 -1.05 7.30
CA ARG B 109 -0.67 -1.04 8.27
C ARG B 109 -0.07 -1.18 9.70
N ALA B 110 0.92 -2.03 9.79
CA ALA B 110 1.58 -2.28 11.10
C ALA B 110 2.41 -1.08 11.49
N LEU B 111 3.10 -0.48 10.50
CA LEU B 111 3.95 0.67 10.84
C LEU B 111 3.12 1.85 11.34
N LEU B 112 1.99 2.09 10.74
CA LEU B 112 1.15 3.24 11.11
C LEU B 112 0.60 3.07 12.52
N GLU B 113 0.49 1.83 12.96
CA GLU B 113 0.12 1.55 14.39
C GLU B 113 1.23 1.79 15.41
N ASN B 114 2.46 1.86 14.98
CA ASN B 114 3.61 2.02 15.85
C ASN B 114 4.48 3.11 15.38
N MET B 115 3.89 4.27 15.07
CA MET B 115 4.74 5.38 14.59
C MET B 115 5.63 5.89 15.67
N GLU B 116 5.33 5.74 16.96
CA GLU B 116 6.28 6.15 17.98
C GLU B 116 7.56 5.34 17.92
N GLY B 117 7.46 4.08 17.72
CA GLY B 117 8.62 3.24 17.66
C GLY B 117 9.53 3.67 16.52
N LEU B 118 8.91 3.93 15.36
CA LEU B 118 9.63 4.48 14.23
C LEU B 118 10.37 5.81 14.65
N PHE B 119 9.59 6.76 15.22
CA PHE B 119 10.17 8.08 15.57
C PHE B 119 11.32 7.89 16.54
N LEU B 120 11.10 7.13 17.60
CA LEU B 120 12.19 6.90 18.55
C LEU B 120 13.41 6.19 17.95
N ALA B 121 13.20 5.21 17.06
CA ALA B 121 14.36 4.50 16.41
C ALA B 121 15.17 5.45 15.56
N VAL B 122 14.55 6.28 14.78
CA VAL B 122 15.32 7.21 13.92
C VAL B 122 16.13 8.15 14.82
N ASP B 123 15.51 8.59 15.91
CA ASP B 123 16.19 9.46 16.87
C ASP B 123 17.37 8.79 17.52
N GLU B 124 17.40 7.47 17.59
CA GLU B 124 18.60 6.81 18.10
C GLU B 124 19.68 6.62 17.04
N ILE B 125 19.30 6.55 15.81
CA ILE B 125 20.21 6.20 14.68
C ILE B 125 20.94 7.42 14.14
N VAL B 126 20.22 8.50 13.97
CA VAL B 126 20.86 9.71 13.38
C VAL B 126 20.51 10.89 14.26
N ASP B 127 21.48 11.79 14.41
CA ASP B 127 21.29 13.06 15.08
C ASP B 127 21.77 14.16 14.13
N GLY B 128 20.83 14.86 13.51
CA GLY B 128 21.16 16.02 12.65
C GLY B 128 22.07 15.63 11.46
N GLY B 129 21.95 14.42 10.94
CA GLY B 129 22.74 13.90 9.86
C GLY B 129 23.91 13.01 10.23
N VAL B 130 24.36 13.12 11.47
CA VAL B 130 25.39 12.24 11.94
C VAL B 130 24.88 10.89 12.41
N ILE B 131 25.60 9.86 11.98
CA ILE B 131 25.23 8.49 12.32
C ILE B 131 25.73 8.16 13.70
N LEU B 132 24.80 7.92 14.58
CA LEU B 132 25.16 7.70 16.03
C LEU B 132 25.22 6.24 16.38
N GLU B 133 24.39 5.45 15.67
CA GLU B 133 24.24 4.08 16.05
C GLU B 133 23.73 3.25 14.91
N SER B 134 24.49 2.21 14.58
CA SER B 134 24.10 1.30 13.54
C SER B 134 23.87 -0.14 14.01
N ASP B 135 23.86 -0.40 15.33
CA ASP B 135 23.53 -1.75 15.83
C ASP B 135 22.09 -1.80 16.29
N PRO B 136 21.22 -2.56 15.58
CA PRO B 136 19.85 -2.51 15.98
C PRO B 136 19.57 -3.08 17.36
N GLN B 137 20.41 -3.96 17.84
CA GLN B 137 20.32 -4.33 19.28
C GLN B 137 20.35 -3.18 20.25
N GLN B 138 21.27 -2.22 19.97
CA GLN B 138 21.31 -0.97 20.75
C GLN B 138 20.12 -0.13 20.58
N VAL B 139 19.66 0.00 19.35
CA VAL B 139 18.56 0.83 19.06
C VAL B 139 17.27 0.37 19.81
N VAL B 140 16.98 -0.91 19.72
CA VAL B 140 15.76 -1.42 20.26
C VAL B 140 15.82 -1.31 21.80
N HIS B 141 17.00 -1.51 22.37
CA HIS B 141 17.16 -1.38 23.81
C HIS B 141 16.86 0.08 24.23
N ARG B 142 17.43 1.04 23.56
CA ARG B 142 17.14 2.40 23.85
C ARG B 142 15.73 2.89 23.58
N VAL B 143 15.08 2.41 22.54
CA VAL B 143 13.73 2.77 22.30
C VAL B 143 12.90 2.24 23.47
N ALA B 144 13.19 1.04 23.92
CA ALA B 144 12.39 0.44 25.02
C ALA B 144 12.48 1.28 26.32
N LEU B 145 13.66 1.89 26.52
CA LEU B 145 13.87 2.77 27.70
C LEU B 145 13.16 4.11 27.56
N ARG B 146 12.88 4.54 26.35
CA ARG B 146 12.21 5.82 26.10
C ARG B 146 10.72 5.83 25.80
N GLY B 147 10.17 4.67 25.47
CA GLY B 147 8.83 4.54 24.93
C GLY B 147 7.63 4.16 25.82
#